data_3GU6
#
_entry.id   3GU6
#
_cell.length_a   46.870
_cell.length_b   62.271
_cell.length_c   88.114
_cell.angle_alpha   90.00
_cell.angle_beta   90.00
_cell.angle_gamma   90.00
#
_symmetry.space_group_name_H-M   'P 21 21 21'
#
loop_
_entity.id
_entity.type
_entity.pdbx_description
1 polymer 'Death-associated protein kinase 1'
2 non-polymer "ADENOSINE-5'-DIPHOSPHATE"
3 water water
#
_entity_poly.entity_id   1
_entity_poly.type   'polypeptide(L)'
_entity_poly.pdbx_seq_one_letter_code
;MTVFRQENVDDYYDTGEELGSGVFAVVKKCREKSTGLQYAAKFIKKRRTKSSRRGVSREDIEREVSILKEIQHPNVITLH
EVYENKTDVILILELVAGGELFDFLAEKESLTEEEATEFLKQILNGVYYLHSLQIAHFDLKPENIMLLDRNVPKPRIKII
DFGLAHKIDFGNEFKNIFGTPEFVAPEIVNYEPLGLEADMWSIGVITYILLSGASPFLGDTKQETLANVSAVNYEFEDEY
FSNTSALAKDFIRRLLVKDPKKRMTIQDSLQHPWIKPKDTQQALSSAWSHPQFEK
;
_entity_poly.pdbx_strand_id   A
#
loop_
_chem_comp.id
_chem_comp.type
_chem_comp.name
_chem_comp.formula
ADP non-polymer ADENOSINE-5'-DIPHOSPHATE 'C10 H15 N5 O10 P2'
#
# COMPACT_ATOMS: atom_id res chain seq x y z
N THR A 2 9.36 -18.27 13.89
CA THR A 2 8.11 -18.14 14.68
C THR A 2 7.04 -19.05 14.10
N VAL A 3 6.41 -19.82 14.98
CA VAL A 3 5.41 -20.78 14.53
C VAL A 3 4.00 -20.27 14.77
N PHE A 4 3.08 -20.68 13.90
CA PHE A 4 1.71 -20.19 13.97
C PHE A 4 0.76 -21.34 14.28
N ARG A 5 -0.52 -21.02 14.50
CA ARG A 5 -1.52 -22.03 14.86
C ARG A 5 -1.70 -23.04 13.74
N GLN A 6 -1.59 -24.31 14.08
CA GLN A 6 -1.61 -25.34 13.05
C GLN A 6 -2.86 -26.22 12.98
N GLU A 7 -3.88 -25.86 13.76
CA GLU A 7 -5.21 -26.44 13.55
C GLU A 7 -5.76 -26.00 12.20
N ASN A 8 -6.67 -26.80 11.64
CA ASN A 8 -7.29 -26.46 10.36
C ASN A 8 -8.12 -25.20 10.53
N VAL A 9 -7.84 -24.20 9.71
CA VAL A 9 -8.58 -22.94 9.78
C VAL A 9 -10.08 -23.19 9.57
N ASP A 10 -10.40 -24.21 8.78
CA ASP A 10 -11.79 -24.53 8.48
C ASP A 10 -12.56 -25.03 9.71
N ASP A 11 -11.85 -25.44 10.74
CA ASP A 11 -12.50 -25.80 12.00
C ASP A 11 -13.00 -24.56 12.74
N TYR A 12 -12.48 -23.40 12.38
CA TYR A 12 -12.76 -22.18 13.13
C TYR A 12 -13.41 -21.07 12.32
N TYR A 13 -13.28 -21.15 11.00
CA TYR A 13 -13.77 -20.14 10.07
C TYR A 13 -14.50 -20.76 8.89
N ASP A 14 -15.50 -20.05 8.39
CA ASP A 14 -16.06 -20.36 7.07
C ASP A 14 -15.62 -19.26 6.11
N THR A 15 -15.33 -19.62 4.86
CA THR A 15 -14.90 -18.62 3.89
C THR A 15 -15.99 -18.36 2.84
N GLY A 16 -15.91 -17.21 2.18
CA GLY A 16 -16.89 -16.86 1.16
C GLY A 16 -16.27 -16.23 -0.05
N GLU A 17 -16.78 -15.05 -0.39
CA GLU A 17 -16.35 -14.26 -1.53
C GLU A 17 -14.85 -14.02 -1.52
N GLU A 18 -14.22 -14.11 -2.68
CA GLU A 18 -12.84 -13.76 -2.83
C GLU A 18 -12.74 -12.25 -2.96
N LEU A 19 -11.85 -11.64 -2.18
CA LEU A 19 -11.73 -10.20 -2.09
C LEU A 19 -10.62 -9.67 -2.99
N GLY A 20 -9.62 -10.51 -3.22
N GLY A 20 -9.61 -10.49 -3.24
CA GLY A 20 -8.47 -10.15 -4.02
CA GLY A 20 -8.51 -10.06 -4.10
C GLY A 20 -7.61 -11.36 -4.31
C GLY A 20 -7.29 -10.95 -3.98
N SER A 21 -6.77 -11.23 -5.32
N SER A 21 -6.29 -10.69 -4.82
CA SER A 21 -5.94 -12.32 -5.82
CA SER A 21 -5.12 -11.54 -4.87
C SER A 21 -4.61 -11.72 -6.27
C SER A 21 -3.87 -10.73 -5.17
N GLY A 22 -3.51 -12.28 -5.76
N GLY A 22 -2.73 -11.21 -4.73
CA GLY A 22 -2.17 -11.79 -6.10
CA GLY A 22 -1.47 -10.50 -4.96
C GLY A 22 -1.22 -12.90 -6.52
C GLY A 22 -0.31 -11.46 -5.10
N VAL A 23 0.02 -12.53 -6.80
N VAL A 23 0.87 -11.01 -4.67
CA VAL A 23 1.03 -13.49 -7.28
CA VAL A 23 2.09 -11.80 -4.80
C VAL A 23 1.04 -14.79 -6.46
C VAL A 23 1.99 -13.11 -4.01
N PHE A 24 1.31 -14.68 -5.16
N PHE A 24 1.73 -14.19 -4.72
CA PHE A 24 1.32 -15.88 -4.30
CA PHE A 24 1.61 -15.50 -4.08
C PHE A 24 0.40 -15.77 -3.10
C PHE A 24 0.61 -15.48 -2.93
N ALA A 25 -0.53 -14.82 -3.15
CA ALA A 25 -1.55 -14.65 -2.10
C ALA A 25 -2.96 -14.55 -2.65
N VAL A 26 -3.92 -15.10 -1.91
CA VAL A 26 -5.33 -14.96 -2.24
C VAL A 26 -6.05 -14.54 -0.96
N VAL A 27 -6.97 -13.58 -1.09
CA VAL A 27 -7.67 -13.07 0.09
C VAL A 27 -9.15 -13.36 -0.04
N LYS A 28 -9.71 -14.01 0.99
CA LYS A 28 -11.10 -14.44 0.98
C LYS A 28 -11.83 -13.90 2.20
N LYS A 29 -13.03 -13.39 1.99
CA LYS A 29 -13.89 -13.06 3.12
C LYS A 29 -14.13 -14.30 3.98
N CYS A 30 -14.18 -14.12 5.29
CA CYS A 30 -14.43 -15.26 6.17
C CYS A 30 -15.21 -14.84 7.40
N ARG A 31 -15.69 -15.82 8.14
CA ARG A 31 -16.48 -15.56 9.35
C ARG A 31 -16.01 -16.52 10.42
N GLU A 32 -15.68 -15.99 11.59
CA GLU A 32 -15.25 -16.80 12.72
C GLU A 32 -16.47 -17.46 13.34
N LYS A 33 -16.44 -18.78 13.46
CA LYS A 33 -17.59 -19.52 13.96
C LYS A 33 -17.98 -19.14 15.38
N SER A 34 -16.99 -18.86 16.23
CA SER A 34 -17.24 -18.65 17.66
C SER A 34 -17.85 -17.28 17.98
N THR A 35 -17.72 -16.33 17.05
CA THR A 35 -18.15 -14.94 17.33
C THR A 35 -19.10 -14.39 16.28
N GLY A 36 -19.16 -15.03 15.12
CA GLY A 36 -19.90 -14.50 13.97
C GLY A 36 -19.25 -13.30 13.28
N LEU A 37 -18.09 -12.87 13.76
CA LEU A 37 -17.42 -11.70 13.23
C LEU A 37 -16.69 -12.04 11.93
N GLN A 38 -16.69 -11.07 11.02
CA GLN A 38 -16.13 -11.27 9.69
C GLN A 38 -14.76 -10.66 9.57
N TYR A 39 -13.92 -11.33 8.78
CA TYR A 39 -12.52 -10.99 8.56
C TYR A 39 -12.15 -11.19 7.10
N ALA A 40 -10.91 -10.83 6.75
CA ALA A 40 -10.33 -11.16 5.45
C ALA A 40 -9.20 -12.15 5.68
N ALA A 41 -9.33 -13.36 5.14
CA ALA A 41 -8.29 -14.39 5.28
C ALA A 41 -7.33 -14.31 4.09
N LYS A 42 -6.07 -13.95 4.36
CA LYS A 42 -5.03 -13.87 3.35
C LYS A 42 -4.19 -15.14 3.38
N PHE A 43 -4.31 -15.93 2.32
CA PHE A 43 -3.57 -17.21 2.21
C PHE A 43 -2.29 -16.95 1.43
N ILE A 44 -1.15 -17.06 2.09
CA ILE A 44 0.14 -16.80 1.44
C ILE A 44 0.83 -18.14 1.18
N LYS A 45 1.14 -18.40 -0.09
CA LYS A 45 1.78 -19.67 -0.46
C LYS A 45 3.22 -19.70 0.04
N LYS A 46 3.55 -20.77 0.76
CA LYS A 46 4.91 -21.00 1.22
C LYS A 46 5.85 -21.51 0.12
N ARG A 47 7.13 -21.24 0.29
CA ARG A 47 8.16 -21.86 -0.54
C ARG A 47 8.30 -23.34 -0.23
N ARG A 48 8.43 -24.15 -1.28
CA ARG A 48 8.53 -25.62 -1.15
C ARG A 48 9.97 -26.11 -1.01
N THR A 49 10.93 -25.27 -1.40
CA THR A 49 12.37 -25.57 -1.25
C THR A 49 13.10 -24.26 -1.02
N LYS A 50 14.24 -24.34 -0.33
CA LYS A 50 15.07 -23.18 0.00
C LYS A 50 15.35 -22.27 -1.19
N SER A 51 15.74 -22.88 -2.32
CA SER A 51 16.19 -22.14 -3.50
C SER A 51 15.06 -21.79 -4.46
N SER A 52 13.82 -22.13 -4.09
CA SER A 52 12.68 -21.92 -4.99
C SER A 52 12.37 -20.45 -5.26
N ARG A 53 11.76 -20.19 -6.42
N ARG A 53 11.77 -20.23 -6.42
CA ARG A 53 11.31 -18.84 -6.76
CA ARG A 53 11.31 -18.93 -6.88
C ARG A 53 9.78 -18.70 -6.68
C ARG A 53 9.84 -18.73 -6.51
N ARG A 54 9.09 -19.84 -6.54
CA ARG A 54 7.64 -19.84 -6.29
C ARG A 54 7.41 -19.72 -4.80
N GLY A 55 6.30 -19.09 -4.41
CA GLY A 55 5.97 -18.93 -3.00
C GLY A 55 6.80 -17.86 -2.32
N VAL A 56 6.43 -17.56 -1.07
CA VAL A 56 7.09 -16.51 -0.31
C VAL A 56 7.98 -17.16 0.75
N SER A 57 9.21 -16.65 0.87
CA SER A 57 10.14 -17.18 1.86
C SER A 57 9.58 -17.01 3.27
N ARG A 58 9.94 -17.93 4.15
CA ARG A 58 9.46 -17.82 5.52
C ARG A 58 9.89 -16.50 6.17
N GLU A 59 11.11 -16.06 5.88
CA GLU A 59 11.60 -14.77 6.39
C GLU A 59 10.64 -13.65 6.00
N ASP A 60 10.21 -13.63 4.75
CA ASP A 60 9.33 -12.57 4.25
C ASP A 60 7.94 -12.66 4.86
N ILE A 61 7.44 -13.88 5.05
CA ILE A 61 6.14 -14.04 5.70
C ILE A 61 6.23 -13.55 7.15
N GLU A 62 7.26 -13.96 7.88
CA GLU A 62 7.40 -13.60 9.29
C GLU A 62 7.54 -12.09 9.47
N ARG A 63 8.21 -11.41 8.54
CA ARG A 63 8.33 -9.95 8.58
C ARG A 63 6.95 -9.30 8.47
N GLU A 64 6.15 -9.71 7.50
CA GLU A 64 4.80 -9.17 7.32
C GLU A 64 3.96 -9.36 8.60
N VAL A 65 3.97 -10.57 9.13
CA VAL A 65 3.26 -10.85 10.38
C VAL A 65 3.78 -9.99 11.54
N SER A 66 5.10 -9.87 11.67
N SER A 66 5.10 -9.88 11.69
CA SER A 66 5.71 -9.12 12.77
CA SER A 66 5.66 -9.13 12.80
C SER A 66 5.32 -7.64 12.73
C SER A 66 5.21 -7.67 12.72
N ILE A 67 5.31 -7.07 11.54
CA ILE A 67 4.89 -5.68 11.36
C ILE A 67 3.40 -5.51 11.64
N LEU A 68 2.58 -6.41 11.10
CA LEU A 68 1.14 -6.35 11.33
C LEU A 68 0.81 -6.42 12.83
N LYS A 69 1.53 -7.26 13.56
CA LYS A 69 1.28 -7.40 15.00
C LYS A 69 1.50 -6.12 15.78
N GLU A 70 2.38 -5.25 15.28
CA GLU A 70 2.72 -3.99 15.95
C GLU A 70 1.66 -2.91 15.80
N ILE A 71 0.86 -2.98 14.74
N ILE A 71 0.80 -3.07 14.80
CA ILE A 71 0.09 -1.80 14.33
CA ILE A 71 0.00 -1.97 14.28
C ILE A 71 -1.38 -1.82 14.77
C ILE A 71 -1.42 -1.89 14.86
N GLN A 72 -1.83 -0.69 15.27
CA GLN A 72 -3.22 -0.44 15.63
C GLN A 72 -3.51 1.05 15.45
N HIS A 73 -4.26 1.36 14.40
CA HIS A 73 -4.56 2.75 14.03
C HIS A 73 -5.76 2.70 13.11
N PRO A 74 -6.68 3.69 13.21
CA PRO A 74 -7.88 3.63 12.35
C PRO A 74 -7.61 3.50 10.84
N ASN A 75 -6.46 3.99 10.38
CA ASN A 75 -6.18 3.99 8.94
C ASN A 75 -5.25 2.88 8.46
N VAL A 76 -5.07 1.86 9.30
CA VAL A 76 -4.34 0.67 8.90
C VAL A 76 -5.13 -0.56 9.33
N ILE A 77 -4.84 -1.69 8.68
N ILE A 77 -5.03 -1.62 8.54
CA ILE A 77 -5.47 -2.97 9.01
CA ILE A 77 -5.67 -2.86 8.92
C ILE A 77 -5.02 -3.58 10.37
C ILE A 77 -4.90 -3.48 10.03
N THR A 78 -5.94 -4.24 11.07
N THR A 78 -5.63 -4.20 10.87
CA THR A 78 -5.61 -4.96 12.32
CA THR A 78 -5.01 -4.92 11.93
C THR A 78 -5.47 -6.48 12.06
C THR A 78 -5.04 -6.41 11.62
N LEU A 79 -4.34 -7.10 12.49
CA LEU A 79 -4.17 -8.55 12.39
C LEU A 79 -4.91 -9.20 13.55
N HIS A 80 -5.77 -10.16 13.21
CA HIS A 80 -6.53 -10.88 14.21
C HIS A 80 -5.86 -12.15 14.71
N GLU A 81 -5.47 -13.01 13.79
CA GLU A 81 -4.88 -14.32 14.14
C GLU A 81 -4.04 -14.78 12.97
N VAL A 82 -3.12 -15.73 13.22
CA VAL A 82 -2.38 -16.38 12.13
C VAL A 82 -2.41 -17.89 12.26
N TYR A 83 -2.71 -18.57 11.15
CA TYR A 83 -2.69 -20.04 11.07
C TYR A 83 -1.65 -20.43 10.02
N GLU A 84 -1.27 -21.72 10.04
CA GLU A 84 -0.41 -22.22 8.97
C GLU A 84 -0.60 -23.72 8.77
N ASN A 85 -0.28 -24.17 7.57
CA ASN A 85 -0.22 -25.59 7.29
C ASN A 85 0.94 -25.80 6.31
N LYS A 86 1.06 -27.00 5.74
CA LYS A 86 2.23 -27.32 4.92
C LYS A 86 2.38 -26.35 3.73
N THR A 87 1.25 -25.88 3.19
CA THR A 87 1.31 -25.09 1.96
C THR A 87 1.18 -23.58 2.12
N ASP A 88 0.52 -23.13 3.19
CA ASP A 88 0.15 -21.72 3.35
C ASP A 88 0.36 -21.20 4.74
N VAL A 89 0.64 -19.90 4.84
CA VAL A 89 0.38 -19.16 6.08
C VAL A 89 -0.90 -18.38 5.82
N ILE A 90 -1.80 -18.40 6.79
CA ILE A 90 -3.12 -17.79 6.62
C ILE A 90 -3.28 -16.67 7.65
N LEU A 91 -3.29 -15.42 7.18
CA LEU A 91 -3.44 -14.28 8.08
C LEU A 91 -4.90 -13.93 8.14
N ILE A 92 -5.45 -13.89 9.35
CA ILE A 92 -6.82 -13.44 9.52
C ILE A 92 -6.74 -11.95 9.81
N LEU A 93 -7.12 -11.16 8.81
CA LEU A 93 -6.99 -9.71 8.84
C LEU A 93 -8.33 -9.03 9.06
N GLU A 94 -8.30 -7.81 9.60
CA GLU A 94 -9.50 -6.98 9.62
C GLU A 94 -10.08 -6.87 8.22
N LEU A 95 -11.38 -7.06 8.11
CA LEU A 95 -12.08 -6.94 6.83
C LEU A 95 -12.34 -5.47 6.49
N VAL A 96 -11.97 -5.09 5.28
CA VAL A 96 -12.33 -3.78 4.77
C VAL A 96 -13.21 -4.07 3.55
N ALA A 97 -14.50 -3.77 3.66
CA ALA A 97 -15.51 -4.33 2.77
C ALA A 97 -15.97 -3.44 1.62
N GLY A 98 -15.43 -2.23 1.53
CA GLY A 98 -15.89 -1.26 0.53
C GLY A 98 -15.04 -1.19 -0.72
N GLY A 99 -14.16 -2.18 -0.91
CA GLY A 99 -13.34 -2.27 -2.12
C GLY A 99 -12.12 -1.36 -2.14
N GLU A 100 -11.31 -1.55 -3.17
CA GLU A 100 -10.09 -0.77 -3.35
C GLU A 100 -10.39 0.64 -3.77
N LEU A 101 -9.56 1.57 -3.30
CA LEU A 101 -9.57 2.92 -3.83
C LEU A 101 -9.42 2.90 -5.35
N PHE A 102 -8.60 1.98 -5.86
CA PHE A 102 -8.44 1.79 -7.30
C PHE A 102 -9.78 1.64 -8.03
N ASP A 103 -10.65 0.79 -7.48
CA ASP A 103 -11.94 0.53 -8.11
C ASP A 103 -12.93 1.68 -7.94
N PHE A 104 -12.85 2.38 -6.80
CA PHE A 104 -13.66 3.57 -6.54
C PHE A 104 -13.35 4.67 -7.56
N LEU A 105 -12.07 4.86 -7.86
CA LEU A 105 -11.62 5.89 -8.82
C LEU A 105 -12.05 5.55 -10.23
N ALA A 106 -12.00 4.26 -10.57
CA ALA A 106 -12.41 3.80 -11.89
C ALA A 106 -13.90 4.00 -12.13
N GLU A 107 -14.70 3.88 -11.08
CA GLU A 107 -16.16 4.00 -11.19
C GLU A 107 -16.67 5.44 -11.20
N LYS A 108 -15.88 6.36 -10.63
CA LYS A 108 -16.24 7.77 -10.54
C LYS A 108 -15.65 8.64 -11.66
N GLU A 109 -14.50 8.24 -12.18
CA GLU A 109 -13.74 8.97 -13.22
C GLU A 109 -13.02 10.29 -12.92
N SER A 110 -13.45 10.99 -11.86
CA SER A 110 -12.88 12.31 -11.52
C SER A 110 -13.36 12.83 -10.17
N LEU A 111 -12.42 13.06 -9.27
CA LEU A 111 -12.69 13.63 -7.94
C LEU A 111 -12.56 15.14 -7.91
N THR A 112 -13.25 15.76 -6.95
CA THR A 112 -13.02 17.17 -6.63
C THR A 112 -11.73 17.28 -5.84
N GLU A 113 -11.20 18.49 -5.72
CA GLU A 113 -10.01 18.69 -4.93
C GLU A 113 -10.26 18.34 -3.44
N GLU A 114 -11.45 18.66 -2.94
CA GLU A 114 -11.85 18.26 -1.58
C GLU A 114 -11.96 16.75 -1.39
N GLU A 115 -12.54 16.05 -2.36
CA GLU A 115 -12.63 14.60 -2.28
C GLU A 115 -11.25 13.99 -2.26
N ALA A 116 -10.34 14.52 -3.08
CA ALA A 116 -8.97 14.04 -3.08
C ALA A 116 -8.29 14.27 -1.73
N THR A 117 -8.45 15.47 -1.15
N THR A 117 -8.45 15.47 -1.16
CA THR A 117 -7.80 15.76 0.12
CA THR A 117 -7.82 15.81 0.12
C THR A 117 -8.39 14.92 1.26
C THR A 117 -8.42 15.04 1.31
N GLU A 118 -9.69 14.65 1.19
CA GLU A 118 -10.33 13.82 2.22
C GLU A 118 -9.75 12.41 2.24
N PHE A 119 -9.47 11.84 1.07
CA PHE A 119 -8.75 10.58 0.99
C PHE A 119 -7.30 10.75 1.44
N LEU A 120 -6.63 11.77 0.88
N LEU A 120 -6.64 11.78 0.90
CA LEU A 120 -5.21 11.99 1.17
CA LEU A 120 -5.21 11.96 1.15
C LEU A 120 -4.95 12.13 2.65
C LEU A 120 -4.89 12.21 2.62
N LYS A 121 -5.74 12.97 3.32
CA LYS A 121 -5.54 13.24 4.75
C LYS A 121 -5.51 11.96 5.59
N GLN A 122 -6.40 11.02 5.26
CA GLN A 122 -6.42 9.72 5.93
C GLN A 122 -5.20 8.87 5.60
N ILE A 123 -4.79 8.86 4.33
CA ILE A 123 -3.55 8.17 3.94
C ILE A 123 -2.37 8.76 4.70
N LEU A 124 -2.30 10.09 4.73
CA LEU A 124 -1.24 10.74 5.47
C LEU A 124 -1.24 10.42 6.97
N ASN A 125 -2.43 10.36 7.58
CA ASN A 125 -2.51 9.99 9.00
C ASN A 125 -2.01 8.57 9.23
N GLY A 126 -2.39 7.63 8.37
CA GLY A 126 -1.92 6.25 8.51
C GLY A 126 -0.42 6.13 8.31
N VAL A 127 0.11 6.85 7.32
CA VAL A 127 1.55 6.79 7.06
C VAL A 127 2.31 7.53 8.14
N TYR A 128 1.74 8.61 8.70
CA TYR A 128 2.35 9.25 9.86
C TYR A 128 2.52 8.27 11.03
N TYR A 129 1.47 7.51 11.30
CA TYR A 129 1.55 6.44 12.29
C TYR A 129 2.67 5.42 11.98
N LEU A 130 2.67 4.90 10.75
CA LEU A 130 3.65 3.90 10.36
C LEU A 130 5.07 4.45 10.47
N HIS A 131 5.30 5.66 9.95
CA HIS A 131 6.63 6.23 9.91
C HIS A 131 7.08 6.59 11.33
N SER A 132 6.13 6.92 12.20
CA SER A 132 6.45 7.16 13.61
C SER A 132 7.04 5.91 14.27
N LEU A 133 6.59 4.76 13.79
CA LEU A 133 7.08 3.47 14.21
C LEU A 133 8.28 2.96 13.41
N GLN A 134 8.80 3.84 12.55
CA GLN A 134 9.90 3.50 11.63
C GLN A 134 9.55 2.35 10.70
N ILE A 135 8.29 2.24 10.33
CA ILE A 135 7.84 1.26 9.34
C ILE A 135 7.66 1.94 7.99
N ALA A 136 8.41 1.49 6.98
CA ALA A 136 8.19 1.87 5.59
C ALA A 136 7.28 0.83 4.99
N HIS A 137 6.25 1.28 4.29
CA HIS A 137 5.28 0.38 3.65
C HIS A 137 5.84 -0.22 2.34
N PHE A 138 6.39 0.66 1.49
CA PHE A 138 7.09 0.31 0.25
C PHE A 138 6.17 -0.19 -0.86
N ASP A 139 4.86 -0.18 -0.66
CA ASP A 139 3.94 -0.61 -1.74
C ASP A 139 2.67 0.23 -1.72
N LEU A 140 2.79 1.53 -1.46
CA LEU A 140 1.59 2.39 -1.47
C LEU A 140 1.12 2.66 -2.89
N LYS A 141 -0.16 2.41 -3.11
CA LYS A 141 -0.82 2.62 -4.41
C LYS A 141 -2.32 2.47 -4.18
N PRO A 142 -3.16 2.96 -5.11
CA PRO A 142 -4.61 2.85 -4.89
C PRO A 142 -5.16 1.45 -4.68
N GLU A 143 -4.53 0.41 -5.26
CA GLU A 143 -4.94 -0.97 -5.00
C GLU A 143 -4.76 -1.41 -3.55
N ASN A 144 -3.86 -0.73 -2.84
CA ASN A 144 -3.54 -1.04 -1.44
C ASN A 144 -4.14 -0.08 -0.41
N ILE A 145 -5.19 0.63 -0.83
N ILE A 145 -5.12 0.69 -0.88
CA ILE A 145 -5.97 1.46 0.07
CA ILE A 145 -5.95 1.50 -0.03
C ILE A 145 -7.44 1.08 -0.06
C ILE A 145 -7.34 0.90 -0.19
N MET A 146 -7.98 0.53 1.02
N MET A 146 -8.01 0.64 0.93
CA MET A 146 -9.34 0.00 1.01
CA MET A 146 -9.35 0.08 0.86
C MET A 146 -10.31 1.00 1.64
C MET A 146 -10.34 0.90 1.67
N LEU A 147 -11.55 1.01 1.14
CA LEU A 147 -12.61 1.82 1.73
C LEU A 147 -13.44 0.94 2.66
N LEU A 148 -13.80 1.48 3.83
CA LEU A 148 -14.68 0.76 4.75
C LEU A 148 -16.10 0.62 4.19
N ASP A 149 -16.58 1.70 3.57
CA ASP A 149 -17.92 1.76 3.02
C ASP A 149 -17.87 2.78 1.89
N ARG A 150 -18.12 2.32 0.67
CA ARG A 150 -17.96 3.15 -0.51
C ARG A 150 -19.20 3.98 -0.83
N ASN A 151 -20.27 3.80 -0.04
CA ASN A 151 -21.56 4.46 -0.31
C ASN A 151 -21.89 5.64 0.60
N VAL A 152 -20.84 6.22 1.18
CA VAL A 152 -20.97 7.45 1.97
C VAL A 152 -20.22 8.55 1.23
N PRO A 153 -20.62 9.82 1.42
CA PRO A 153 -19.95 10.89 0.66
C PRO A 153 -18.46 11.06 0.91
N LYS A 154 -17.99 10.68 2.10
CA LYS A 154 -16.59 10.83 2.49
C LYS A 154 -16.04 9.48 3.00
N PRO A 155 -15.77 8.54 2.08
CA PRO A 155 -15.39 7.20 2.53
C PRO A 155 -14.14 7.16 3.39
N ARG A 156 -14.20 6.33 4.45
CA ARG A 156 -13.05 6.11 5.33
C ARG A 156 -12.17 5.04 4.74
N ILE A 157 -10.87 5.16 4.97
CA ILE A 157 -9.93 4.19 4.37
C ILE A 157 -8.98 3.55 5.36
N LYS A 158 -8.45 2.41 4.92
CA LYS A 158 -7.38 1.70 5.60
C LYS A 158 -6.32 1.25 4.61
N ILE A 159 -5.06 1.45 4.99
CA ILE A 159 -3.91 0.93 4.27
C ILE A 159 -3.82 -0.58 4.51
N ILE A 160 -3.64 -1.32 3.40
CA ILE A 160 -3.48 -2.78 3.43
C ILE A 160 -2.17 -3.23 2.77
N ASP A 161 -1.94 -4.55 2.74
CA ASP A 161 -0.84 -5.19 2.02
C ASP A 161 0.54 -4.78 2.53
N PHE A 162 0.90 -5.38 3.65
CA PHE A 162 2.17 -5.17 4.30
C PHE A 162 3.25 -6.16 3.86
N GLY A 163 3.08 -6.72 2.66
CA GLY A 163 4.02 -7.72 2.14
C GLY A 163 5.40 -7.20 1.77
N LEU A 164 5.55 -5.90 1.59
CA LEU A 164 6.87 -5.31 1.33
C LEU A 164 7.37 -4.44 2.48
N ALA A 165 6.55 -4.29 3.52
CA ALA A 165 6.88 -3.38 4.62
C ALA A 165 8.14 -3.81 5.37
N HIS A 166 8.93 -2.83 5.81
CA HIS A 166 10.15 -3.11 6.58
C HIS A 166 10.31 -2.10 7.69
N LYS A 167 10.88 -2.55 8.81
CA LYS A 167 11.38 -1.67 9.85
C LYS A 167 12.68 -1.03 9.39
N ILE A 168 12.76 0.28 9.54
CA ILE A 168 13.93 1.04 9.13
C ILE A 168 14.58 1.54 10.42
N ASP A 169 15.38 0.72 11.08
CA ASP A 169 16.01 1.21 12.33
C ASP A 169 17.37 1.88 12.14
N PHE A 170 17.88 1.82 10.91
CA PHE A 170 19.17 2.44 10.60
C PHE A 170 18.99 3.54 9.56
N GLY A 171 17.79 4.13 9.47
CA GLY A 171 17.57 5.21 8.52
C GLY A 171 17.40 4.78 7.06
N ASN A 172 18.02 3.65 6.71
CA ASN A 172 17.76 3.05 5.41
C ASN A 172 17.93 1.54 5.46
N GLU A 173 17.40 0.84 4.46
CA GLU A 173 17.62 -0.57 4.37
C GLU A 173 18.07 -0.95 2.95
N PHE A 174 18.82 -2.04 2.84
CA PHE A 174 19.33 -2.46 1.54
C PHE A 174 19.05 -3.93 1.33
N LYS A 175 17.84 -4.21 0.84
N LYS A 175 17.85 -4.20 0.83
CA LYS A 175 17.43 -5.58 0.54
CA LYS A 175 17.38 -5.56 0.57
C LYS A 175 16.82 -5.64 -0.85
C LYS A 175 16.72 -5.62 -0.80
N ASN A 176 16.22 -6.79 -1.16
CA ASN A 176 15.48 -6.96 -2.41
C ASN A 176 14.08 -6.38 -2.21
N ILE A 177 13.92 -5.11 -2.56
CA ILE A 177 12.65 -4.42 -2.40
C ILE A 177 12.33 -3.65 -3.68
N PHE A 178 11.23 -4.03 -4.33
CA PHE A 178 10.79 -3.38 -5.56
C PHE A 178 9.27 -3.56 -5.68
N GLY A 179 8.55 -2.45 -5.67
CA GLY A 179 7.10 -2.46 -5.81
C GLY A 179 6.66 -2.33 -7.26
N THR A 180 5.49 -1.72 -7.47
CA THR A 180 4.90 -1.58 -8.80
C THR A 180 5.52 -0.38 -9.51
N PRO A 181 6.05 -0.57 -10.73
CA PRO A 181 6.79 0.50 -11.40
C PRO A 181 6.16 1.90 -11.38
N GLU A 182 4.84 1.96 -11.60
N GLU A 182 4.85 1.99 -11.62
CA GLU A 182 4.09 3.21 -11.62
CA GLU A 182 4.18 3.31 -11.63
C GLU A 182 4.26 4.06 -10.35
C GLU A 182 4.37 4.10 -10.36
N PHE A 183 4.56 3.40 -9.24
CA PHE A 183 4.52 4.03 -7.92
C PHE A 183 5.84 4.09 -7.19
N VAL A 184 6.86 3.41 -7.71
CA VAL A 184 8.14 3.34 -6.98
C VAL A 184 8.99 4.60 -7.12
N ALA A 185 9.72 4.95 -6.06
CA ALA A 185 10.63 6.08 -6.08
C ALA A 185 11.89 5.80 -6.90
N PRO A 186 12.59 6.87 -7.36
CA PRO A 186 13.84 6.69 -8.11
C PRO A 186 14.86 5.81 -7.41
N GLU A 187 14.96 5.89 -6.09
CA GLU A 187 15.94 5.08 -5.36
C GLU A 187 15.61 3.59 -5.47
N ILE A 188 14.33 3.25 -5.60
CA ILE A 188 13.94 1.86 -5.84
C ILE A 188 14.40 1.45 -7.24
N VAL A 189 14.11 2.29 -8.23
CA VAL A 189 14.48 2.03 -9.62
C VAL A 189 15.98 1.85 -9.75
N ASN A 190 16.73 2.62 -8.98
CA ASN A 190 18.20 2.61 -9.05
C ASN A 190 18.89 1.65 -8.07
N TYR A 191 18.09 0.88 -7.33
CA TYR A 191 18.62 -0.15 -6.41
C TYR A 191 19.51 0.45 -5.35
N GLU A 192 19.10 1.61 -4.86
CA GLU A 192 19.81 2.30 -3.80
C GLU A 192 19.22 1.98 -2.43
N PRO A 193 19.93 2.30 -1.34
CA PRO A 193 19.35 2.13 -0.02
C PRO A 193 18.04 2.91 0.11
N LEU A 194 17.10 2.30 0.83
CA LEU A 194 15.73 2.83 0.88
C LEU A 194 15.33 3.16 2.29
N GLY A 195 14.52 4.19 2.43
CA GLY A 195 14.00 4.56 3.74
C GLY A 195 12.57 5.03 3.66
N LEU A 196 12.14 5.75 4.69
CA LEU A 196 10.77 6.21 4.77
C LEU A 196 10.43 7.14 3.61
N GLU A 197 11.45 7.75 3.02
CA GLU A 197 11.24 8.74 1.96
C GLU A 197 10.57 8.15 0.72
N ALA A 198 10.82 6.86 0.47
CA ALA A 198 10.23 6.21 -0.72
C ALA A 198 8.70 6.27 -0.66
N ASP A 199 8.14 6.09 0.54
CA ASP A 199 6.68 6.18 0.70
C ASP A 199 6.16 7.56 0.34
N MET A 200 6.95 8.60 0.62
CA MET A 200 6.50 9.96 0.36
C MET A 200 6.40 10.22 -1.14
N TRP A 201 7.34 9.67 -1.91
CA TRP A 201 7.25 9.74 -3.36
C TRP A 201 5.97 9.06 -3.83
N SER A 202 5.71 7.86 -3.33
CA SER A 202 4.50 7.14 -3.75
C SER A 202 3.24 7.96 -3.44
N ILE A 203 3.24 8.64 -2.30
CA ILE A 203 2.12 9.54 -1.97
C ILE A 203 1.95 10.64 -3.00
N GLY A 204 3.06 11.18 -3.50
CA GLY A 204 2.98 12.17 -4.57
C GLY A 204 2.32 11.64 -5.82
N VAL A 205 2.65 10.39 -6.18
CA VAL A 205 2.07 9.76 -7.36
C VAL A 205 0.57 9.53 -7.15
N ILE A 206 0.20 8.98 -5.98
CA ILE A 206 -1.21 8.82 -5.64
C ILE A 206 -1.97 10.14 -5.71
N THR A 207 -1.39 11.20 -5.15
CA THR A 207 -2.05 12.52 -5.17
C THR A 207 -2.31 13.00 -6.61
N TYR A 208 -1.29 12.87 -7.46
CA TYR A 208 -1.44 13.24 -8.89
C TYR A 208 -2.61 12.47 -9.53
N ILE A 209 -2.66 11.17 -9.29
CA ILE A 209 -3.76 10.32 -9.80
C ILE A 209 -5.12 10.73 -9.23
N LEU A 210 -5.20 10.99 -7.94
CA LEU A 210 -6.47 11.38 -7.31
C LEU A 210 -7.03 12.63 -7.95
N LEU A 211 -6.15 13.57 -8.27
CA LEU A 211 -6.61 14.85 -8.80
C LEU A 211 -6.97 14.86 -10.28
N SER A 212 -6.31 13.99 -11.06
CA SER A 212 -6.35 14.07 -12.52
C SER A 212 -6.95 12.86 -13.24
N GLY A 213 -6.95 11.71 -12.57
CA GLY A 213 -7.29 10.45 -13.22
C GLY A 213 -6.20 9.89 -14.12
N ALA A 214 -5.01 10.51 -14.09
CA ALA A 214 -3.90 10.09 -14.94
C ALA A 214 -2.67 9.82 -14.08
N SER A 215 -1.81 8.94 -14.61
CA SER A 215 -0.61 8.48 -13.90
C SER A 215 0.63 9.24 -14.43
N PRO A 216 1.39 9.89 -13.52
CA PRO A 216 2.43 10.86 -13.94
C PRO A 216 3.61 10.27 -14.73
N PHE A 217 4.02 9.04 -14.44
CA PHE A 217 5.21 8.47 -15.08
C PHE A 217 4.91 7.31 -16.02
N LEU A 218 3.65 6.92 -16.13
CA LEU A 218 3.28 5.69 -16.83
C LEU A 218 3.64 5.72 -18.31
N GLY A 219 4.47 4.76 -18.71
CA GLY A 219 4.82 4.54 -20.12
C GLY A 219 4.06 3.34 -20.67
N ASP A 220 4.37 2.94 -21.89
CA ASP A 220 3.69 1.79 -22.51
C ASP A 220 4.27 0.44 -22.10
N THR A 221 5.45 0.49 -21.48
CA THR A 221 6.11 -0.71 -21.00
C THR A 221 6.64 -0.40 -19.61
N LYS A 222 6.92 -1.44 -18.82
CA LYS A 222 7.49 -1.25 -17.48
C LYS A 222 8.82 -0.52 -17.53
N GLN A 223 9.70 -0.87 -18.49
CA GLN A 223 10.99 -0.19 -18.59
C GLN A 223 10.83 1.31 -18.85
N GLU A 224 9.86 1.68 -19.68
CA GLU A 224 9.63 3.09 -19.97
C GLU A 224 9.13 3.82 -18.72
N THR A 225 8.22 3.20 -17.98
CA THR A 225 7.75 3.78 -16.71
C THR A 225 8.92 4.00 -15.77
N LEU A 226 9.76 2.98 -15.62
CA LEU A 226 10.91 3.06 -14.70
C LEU A 226 11.92 4.12 -15.14
N ALA A 227 12.15 4.23 -16.44
CA ALA A 227 13.04 5.27 -16.96
C ALA A 227 12.49 6.66 -16.69
N ASN A 228 11.17 6.81 -16.85
CA ASN A 228 10.50 8.08 -16.55
C ASN A 228 10.63 8.45 -15.07
N VAL A 229 10.42 7.46 -14.20
CA VAL A 229 10.55 7.69 -12.76
C VAL A 229 11.95 8.18 -12.44
N SER A 230 12.97 7.49 -12.93
CA SER A 230 14.34 7.81 -12.56
C SER A 230 14.76 9.20 -13.05
N ALA A 231 14.23 9.59 -14.21
CA ALA A 231 14.47 10.91 -14.79
C ALA A 231 13.54 12.01 -14.26
N VAL A 232 12.59 11.65 -13.39
CA VAL A 232 11.55 12.59 -12.92
C VAL A 232 10.86 13.26 -14.12
N ASN A 233 10.49 12.38 -15.04
CA ASN A 233 9.84 12.77 -16.30
C ASN A 233 8.33 12.77 -16.11
N TYR A 234 7.84 13.85 -15.51
CA TYR A 234 6.40 14.09 -15.38
C TYR A 234 6.15 15.59 -15.49
N GLU A 235 4.91 15.93 -15.84
CA GLU A 235 4.44 17.31 -15.89
C GLU A 235 2.96 17.33 -15.63
N PHE A 236 2.44 18.51 -15.27
CA PHE A 236 1.02 18.70 -15.04
C PHE A 236 0.28 19.10 -16.29
N GLU A 237 -0.42 18.15 -16.91
CA GLU A 237 -1.11 18.45 -18.17
C GLU A 237 -2.25 19.42 -17.94
N ASP A 238 -2.30 20.49 -18.73
CA ASP A 238 -3.37 21.48 -18.59
C ASP A 238 -4.76 20.85 -18.76
N GLU A 239 -4.89 19.89 -19.66
CA GLU A 239 -6.21 19.27 -19.88
C GLU A 239 -6.77 18.68 -18.59
N TYR A 240 -5.86 18.21 -17.74
CA TYR A 240 -6.24 17.53 -16.49
C TYR A 240 -6.19 18.44 -15.28
N PHE A 241 -5.34 19.46 -15.30
CA PHE A 241 -5.08 20.24 -14.08
C PHE A 241 -5.51 21.70 -14.16
N SER A 242 -6.15 22.11 -15.25
CA SER A 242 -6.48 23.53 -15.45
C SER A 242 -7.36 24.13 -14.35
N ASN A 243 -8.18 23.30 -13.72
CA ASN A 243 -9.03 23.78 -12.60
C ASN A 243 -8.58 23.24 -11.24
N THR A 244 -7.34 22.78 -11.17
CA THR A 244 -6.72 22.32 -9.93
C THR A 244 -5.86 23.45 -9.36
N SER A 245 -5.89 23.64 -8.04
CA SER A 245 -5.18 24.78 -7.46
C SER A 245 -3.66 24.68 -7.58
N ALA A 246 -3.01 25.83 -7.64
CA ALA A 246 -1.56 25.84 -7.68
C ALA A 246 -0.92 25.26 -6.41
N LEU A 247 -1.58 25.43 -5.27
CA LEU A 247 -1.13 24.82 -4.00
C LEU A 247 -1.10 23.30 -4.04
N ALA A 248 -2.11 22.70 -4.68
CA ALA A 248 -2.15 21.24 -4.85
C ALA A 248 -0.95 20.79 -5.69
N LYS A 249 -0.66 21.52 -6.76
CA LYS A 249 0.53 21.21 -7.59
C LYS A 249 1.84 21.35 -6.79
N ASP A 250 1.92 22.38 -5.94
CA ASP A 250 3.09 22.62 -5.08
C ASP A 250 3.32 21.40 -4.17
N PHE A 251 2.24 20.91 -3.57
CA PHE A 251 2.32 19.73 -2.70
C PHE A 251 2.93 18.54 -3.46
N ILE A 252 2.41 18.27 -4.65
CA ILE A 252 2.95 17.16 -5.46
C ILE A 252 4.41 17.40 -5.83
N ARG A 253 4.74 18.62 -6.25
CA ARG A 253 6.10 18.94 -6.65
C ARG A 253 7.12 18.69 -5.55
N ARG A 254 6.71 18.89 -4.30
CA ARG A 254 7.62 18.71 -3.17
C ARG A 254 7.79 17.25 -2.72
N LEU A 255 6.99 16.37 -3.31
CA LEU A 255 7.08 14.93 -3.06
C LEU A 255 7.80 14.23 -4.21
N LEU A 256 7.55 14.68 -5.43
CA LEU A 256 8.19 14.05 -6.61
C LEU A 256 9.57 14.65 -6.90
N VAL A 257 10.47 14.44 -5.93
CA VAL A 257 11.82 14.98 -5.89
C VAL A 257 12.76 13.79 -5.89
N LYS A 258 13.74 13.78 -6.80
CA LYS A 258 14.64 12.64 -6.93
C LYS A 258 15.47 12.35 -5.67
N ASP A 259 16.10 13.38 -5.12
CA ASP A 259 16.93 13.24 -3.92
C ASP A 259 16.00 13.00 -2.73
N PRO A 260 16.07 11.80 -2.11
CA PRO A 260 15.15 11.55 -1.01
C PRO A 260 15.31 12.53 0.16
N LYS A 261 16.52 13.07 0.36
CA LYS A 261 16.78 14.02 1.46
C LYS A 261 16.04 15.33 1.27
N LYS A 262 15.69 15.67 0.03
CA LYS A 262 15.07 16.95 -0.30
C LYS A 262 13.55 16.85 -0.39
N ARG A 263 13.05 15.62 -0.36
CA ARG A 263 11.62 15.35 -0.43
C ARG A 263 10.94 15.73 0.90
N MET A 264 9.68 16.16 0.84
CA MET A 264 8.92 16.36 2.09
C MET A 264 8.81 15.06 2.90
N THR A 265 8.93 15.20 4.22
CA THR A 265 8.70 14.06 5.11
C THR A 265 7.21 13.98 5.39
N ILE A 266 6.78 12.91 6.05
CA ILE A 266 5.38 12.82 6.44
C ILE A 266 4.97 13.99 7.34
N GLN A 267 5.84 14.40 8.27
CA GLN A 267 5.50 15.56 9.12
C GLN A 267 5.37 16.83 8.29
N ASP A 268 6.28 17.04 7.34
CA ASP A 268 6.19 18.17 6.40
C ASP A 268 4.86 18.18 5.66
N SER A 269 4.43 17.01 5.17
N SER A 269 4.42 17.02 5.18
CA SER A 269 3.22 16.91 4.37
CA SER A 269 3.22 16.94 4.36
C SER A 269 1.97 17.33 5.14
C SER A 269 1.96 17.33 5.14
N LEU A 270 1.96 17.06 6.44
CA LEU A 270 0.83 17.40 7.30
C LEU A 270 0.82 18.89 7.64
N GLN A 271 1.97 19.55 7.55
CA GLN A 271 2.09 20.98 7.80
C GLN A 271 1.99 21.82 6.53
N HIS A 272 2.02 21.15 5.37
CA HIS A 272 1.95 21.87 4.09
C HIS A 272 0.65 22.65 4.01
N PRO A 273 0.68 23.91 3.52
CA PRO A 273 -0.54 24.73 3.49
C PRO A 273 -1.76 24.12 2.77
N TRP A 274 -1.55 23.20 1.83
CA TRP A 274 -2.69 22.53 1.17
C TRP A 274 -3.44 21.60 2.14
N ILE A 275 -2.72 21.07 3.12
CA ILE A 275 -3.25 20.08 4.06
C ILE A 275 -3.58 20.68 5.43
N LYS A 276 -2.68 21.52 5.97
CA LYS A 276 -2.83 22.05 7.32
C LYS A 276 -4.16 22.79 7.44
N PRO A 277 -4.99 22.39 8.42
CA PRO A 277 -6.32 22.97 8.55
C PRO A 277 -6.28 24.34 9.22
N PRO A 291 7.25 -8.66 -11.39
CA PRO A 291 7.11 -7.43 -10.62
C PRO A 291 7.55 -6.19 -11.41
N GLN A 292 8.86 -5.94 -11.43
CA GLN A 292 9.40 -4.82 -12.19
C GLN A 292 9.83 -5.24 -13.59
N PHE A 293 9.73 -6.54 -13.89
CA PHE A 293 10.22 -7.07 -15.17
C PHE A 293 9.10 -7.50 -16.12
N GLU A 294 9.31 -7.27 -17.42
CA GLU A 294 8.38 -7.69 -18.47
C GLU A 294 8.69 -9.12 -18.92
PB ADP B . -0.03 -9.16 -1.84
O1B ADP B . -0.50 -10.56 -2.16
O2B ADP B . 0.63 -8.45 -3.01
O3B ADP B . 0.77 -9.10 -0.55
PA ADP B . -2.57 -8.73 -0.61
O1A ADP B . -2.44 -8.12 0.76
O2A ADP B . -2.74 -10.22 -0.78
O3A ADP B . -1.37 -8.27 -1.58
O5' ADP B . -3.88 -8.03 -1.23
C5' ADP B . -4.36 -8.40 -2.52
C4' ADP B . -5.78 -7.89 -2.63
O4' ADP B . -6.63 -8.54 -1.68
C3' ADP B . -5.89 -6.41 -2.32
O3' ADP B . -5.53 -5.56 -3.42
C2' ADP B . -7.34 -6.28 -1.88
O2' ADP B . -8.19 -6.18 -3.04
C1' ADP B . -7.59 -7.61 -1.16
N9 ADP B . -7.40 -7.44 0.31
C8 ADP B . -6.23 -7.55 0.98
N7 ADP B . -6.40 -7.32 2.31
C5 ADP B . -7.70 -7.07 2.51
C6 ADP B . -8.56 -6.76 3.67
N6 ADP B . -8.02 -6.66 4.91
N1 ADP B . -9.87 -6.56 3.46
C2 ADP B . -10.40 -6.65 2.23
N3 ADP B . -9.68 -6.93 1.12
C4 ADP B . -8.35 -7.15 1.19
#